data_2B31
#
_entry.id   2B31
#
_cell.length_a   62.745
_cell.length_b   66.613
_cell.length_c   107.812
_cell.angle_alpha   90.00
_cell.angle_beta   90.00
_cell.angle_gamma   90.00
#
_symmetry.space_group_name_H-M   'P 21 21 21'
#
loop_
_entity.id
_entity.type
_entity.pdbx_description
1 polymer 'Chitinase-3-like protein 1, SPG-40'
2 branched 2-acetamido-2-deoxy-beta-D-glucopyranose-(1-4)-2-acetamido-2-deoxy-beta-D-glucopyranose-(1-4)-2-acetamido-2-deoxy-beta-D-glucopyranose-(1-4)-2-acetamido-2-deoxy-alpha-D-glucopyranose-(1-4)-2-acetamido-2-deoxy-beta-D-glucopyranose
3 branched 2-acetamido-2-deoxy-alpha-D-glucopyranose-(1-4)-2-acetamido-2-deoxy-beta-D-glucopyranose
4 water water
#
_entity_poly.entity_id   1
_entity_poly.type   'polypeptide(L)'
_entity_poly.pdbx_seq_one_letter_code
;YKLICYYTSWSQYREGDGSCFPDAIDPFLCTHVIYSFANISNNEIDTWEWNDVTLYDTLNTLKNRNPKLKTLLSVGGWNF
GPERFSKIASKTQSRRTFIKSVPPFLRTHGFDGLDLAWLYPGRRDKRHLTALVKEMKAEFAREAQAGTERLLLSAAVSAG
KIAIDRGYDIAQISRHLDFISLLTYDFHGAWRQTVGHHSPLFRGNSDASSRFSNADYAVSYMLRLGAPANKLVMGIPTFG
RSFTLASSKTDVGAPISGPGIPGRFTKEKGILAYYEICDFLHGATTHRFRDQQVPYATKGNQWVAYDDQESVKNKARYLK
NRQLAGAMVWALDLDDFRGTFCGQNLTFPLTSAVKDVLARV
;
_entity_poly.pdbx_strand_id   A
#
# COMPACT_ATOMS: atom_id res chain seq x y z
N TYR A 1 1.64 10.25 15.25
CA TYR A 1 1.61 9.10 14.33
C TYR A 1 0.84 9.45 13.10
N LYS A 2 1.31 8.94 11.96
CA LYS A 2 0.69 9.11 10.64
C LYS A 2 -0.13 7.91 10.18
N LEU A 3 -1.20 8.15 9.49
CA LEU A 3 -2.03 7.13 8.97
C LEU A 3 -2.21 7.44 7.49
N ILE A 4 -1.34 6.83 6.66
CA ILE A 4 -1.38 7.04 5.23
C ILE A 4 -2.39 6.07 4.56
N CYS A 5 -3.36 6.61 3.84
CA CYS A 5 -4.35 5.77 3.24
C CYS A 5 -4.39 5.92 1.75
N TYR A 6 -4.11 4.84 1.04
CA TYR A 6 -4.13 4.79 -0.43
C TYR A 6 -5.56 4.66 -0.92
N TYR A 7 -5.89 5.36 -1.96
CA TYR A 7 -7.20 5.28 -2.58
C TYR A 7 -6.99 4.98 -4.07
N THR A 8 -7.71 4.04 -4.63
CA THR A 8 -7.50 3.71 -6.04
C THR A 8 -8.49 4.22 -7.04
N SER A 9 -7.90 4.70 -8.11
CA SER A 9 -8.56 5.30 -9.28
C SER A 9 -9.68 4.47 -9.87
N TRP A 10 -9.42 3.19 -10.08
CA TRP A 10 -10.37 2.26 -10.69
C TRP A 10 -11.43 1.66 -9.80
N SER A 11 -11.57 2.10 -8.58
CA SER A 11 -12.62 1.51 -7.73
C SER A 11 -13.95 2.12 -8.03
N GLN A 12 -13.95 3.11 -8.94
CA GLN A 12 -15.21 3.78 -9.33
C GLN A 12 -16.03 2.92 -10.24
N TYR A 13 -15.35 2.09 -11.03
CA TYR A 13 -16.01 1.27 -12.03
C TYR A 13 -16.66 0.01 -11.52
N ARG A 14 -16.56 -0.28 -10.24
CA ARG A 14 -17.17 -1.50 -9.69
C ARG A 14 -18.68 -1.37 -9.60
N GLU A 15 -19.38 -2.48 -9.78
CA GLU A 15 -20.84 -2.44 -9.74
C GLU A 15 -21.45 -2.45 -8.35
N GLY A 16 -22.64 -1.89 -8.28
CA GLY A 16 -23.33 -1.83 -7.02
C GLY A 16 -22.55 -1.05 -6.00
N ASP A 17 -22.59 -1.56 -4.76
CA ASP A 17 -21.90 -0.94 -3.62
C ASP A 17 -20.40 -1.00 -3.80
N GLY A 18 -19.94 -1.91 -4.61
CA GLY A 18 -18.54 -2.02 -4.87
C GLY A 18 -17.96 -0.73 -5.36
N SER A 19 -18.74 0.05 -6.10
CA SER A 19 -18.30 1.35 -6.64
C SER A 19 -17.87 2.27 -5.51
N CYS A 20 -16.78 3.00 -5.73
CA CYS A 20 -16.27 3.92 -4.73
C CYS A 20 -15.68 5.21 -5.31
N PHE A 21 -16.14 6.33 -4.80
CA PHE A 21 -15.63 7.64 -5.22
C PHE A 21 -15.08 8.37 -4.01
N PRO A 22 -14.11 9.27 -4.21
CA PRO A 22 -13.47 10.05 -3.14
C PRO A 22 -14.48 10.52 -2.14
N ASP A 23 -15.66 10.74 -2.67
CA ASP A 23 -16.86 11.13 -1.93
C ASP A 23 -17.06 10.35 -0.59
N ALA A 24 -16.94 9.03 -0.63
CA ALA A 24 -17.13 8.20 0.54
C ALA A 24 -16.04 8.21 1.63
N ILE A 25 -15.01 9.01 1.49
CA ILE A 25 -13.91 9.00 2.44
C ILE A 25 -14.16 9.93 3.59
N ASP A 26 -13.95 9.44 4.82
CA ASP A 26 -14.08 10.28 6.00
C ASP A 26 -12.85 11.12 6.07
N PRO A 27 -12.99 12.41 5.88
CA PRO A 27 -11.85 13.32 5.92
C PRO A 27 -11.14 13.38 7.25
N PHE A 28 -11.84 13.13 8.35
CA PHE A 28 -11.17 13.20 9.63
C PHE A 28 -10.47 11.87 9.98
N LEU A 29 -10.63 10.89 9.15
CA LEU A 29 -10.02 9.59 9.39
C LEU A 29 -8.48 9.53 9.29
N CYS A 30 -7.93 9.49 8.08
CA CYS A 30 -6.50 9.48 7.89
C CYS A 30 -5.82 10.88 7.90
N THR A 31 -4.50 10.91 8.06
CA THR A 31 -3.72 12.15 8.02
C THR A 31 -3.36 12.48 6.58
N HIS A 32 -2.96 11.44 5.84
CA HIS A 32 -2.55 11.58 4.45
C HIS A 32 -3.27 10.57 3.58
N VAL A 33 -3.81 11.07 2.48
CA VAL A 33 -4.50 10.26 1.49
C VAL A 33 -3.74 10.34 0.21
N ILE A 34 -3.27 9.20 -0.31
CA ILE A 34 -2.49 9.11 -1.55
C ILE A 34 -3.36 8.57 -2.66
N TYR A 35 -3.69 9.43 -3.61
CA TYR A 35 -4.50 9.10 -4.79
C TYR A 35 -3.74 8.15 -5.74
N SER A 36 -4.41 7.14 -6.24
CA SER A 36 -3.66 6.11 -6.93
C SER A 36 -3.63 6.01 -8.45
N PHE A 37 -2.37 6.19 -8.85
CA PHE A 37 -1.66 6.16 -10.13
C PHE A 37 -1.95 7.20 -11.13
N ALA A 38 -1.00 8.09 -11.13
CA ALA A 38 -0.88 9.05 -12.16
C ALA A 38 -0.08 8.28 -13.22
N ASN A 39 0.21 8.90 -14.36
CA ASN A 39 0.97 8.18 -15.37
C ASN A 39 2.07 9.04 -15.89
N ILE A 40 2.79 8.53 -16.86
CA ILE A 40 3.86 9.29 -17.52
C ILE A 40 3.70 9.17 -19.01
N SER A 41 3.84 10.29 -19.71
CA SER A 41 3.75 10.31 -21.16
C SER A 41 4.50 11.48 -21.73
N ASN A 42 5.39 11.18 -22.67
CA ASN A 42 6.24 12.19 -23.27
C ASN A 42 7.11 12.72 -22.19
N ASN A 43 7.39 11.86 -21.24
CA ASN A 43 8.27 12.13 -20.10
C ASN A 43 7.78 13.07 -19.02
N GLU A 44 6.52 13.32 -19.01
CA GLU A 44 5.95 14.23 -18.01
C GLU A 44 4.88 13.49 -17.23
N ILE A 45 4.62 13.89 -16.01
CA ILE A 45 3.55 13.21 -15.28
C ILE A 45 2.25 13.62 -15.98
N ASP A 46 1.25 12.79 -15.89
CA ASP A 46 0.02 13.02 -16.60
C ASP A 46 -1.08 12.17 -15.96
N THR A 47 -2.30 12.40 -16.39
CA THR A 47 -3.47 11.70 -15.87
C THR A 47 -3.55 10.30 -16.36
N TRP A 48 -4.53 9.54 -15.86
CA TRP A 48 -4.74 8.12 -16.24
C TRP A 48 -6.20 7.77 -16.69
N GLU A 49 -7.16 8.02 -15.84
CA GLU A 49 -8.53 7.75 -16.20
C GLU A 49 -9.02 9.04 -16.87
N TRP A 50 -10.03 8.93 -17.71
CA TRP A 50 -10.57 10.10 -18.40
C TRP A 50 -11.02 11.18 -17.44
N ASN A 51 -11.65 10.78 -16.34
CA ASN A 51 -12.17 11.72 -15.35
C ASN A 51 -11.28 11.99 -14.11
N ASP A 52 -9.98 11.92 -14.26
CA ASP A 52 -9.10 12.17 -13.10
C ASP A 52 -9.17 13.60 -12.54
N VAL A 53 -9.14 14.59 -13.39
CA VAL A 53 -9.20 15.96 -12.93
C VAL A 53 -10.45 16.15 -12.10
N THR A 54 -11.54 15.50 -12.49
CA THR A 54 -12.75 15.67 -11.71
C THR A 54 -12.56 15.09 -10.32
N LEU A 55 -12.16 13.84 -10.29
CA LEU A 55 -11.93 13.16 -9.04
C LEU A 55 -10.81 13.77 -8.25
N TYR A 56 -9.82 14.33 -8.92
CA TYR A 56 -8.71 14.99 -8.23
C TYR A 56 -9.33 16.06 -7.31
N ASP A 57 -10.27 16.79 -7.91
CA ASP A 57 -11.01 17.87 -7.29
C ASP A 57 -11.87 17.41 -6.11
N THR A 58 -12.52 16.27 -6.26
CA THR A 58 -13.39 15.74 -5.22
C THR A 58 -12.62 15.36 -3.96
N LEU A 59 -11.50 14.65 -4.20
CA LEU A 59 -10.58 14.24 -3.15
C LEU A 59 -10.00 15.47 -2.45
N ASN A 60 -9.53 16.42 -3.23
CA ASN A 60 -8.92 17.63 -2.69
C ASN A 60 -9.90 18.63 -2.06
N THR A 61 -11.16 18.31 -2.10
CA THR A 61 -12.08 19.25 -1.46
C THR A 61 -12.31 18.82 -0.01
N LEU A 62 -11.91 17.60 0.31
CA LEU A 62 -12.06 17.07 1.65
C LEU A 62 -11.24 17.93 2.55
N LYS A 63 -10.22 18.55 1.97
CA LYS A 63 -9.37 19.44 2.73
C LYS A 63 -10.16 20.65 3.10
N ASN A 64 -11.43 20.67 2.70
CA ASN A 64 -12.27 21.79 3.05
C ASN A 64 -13.02 21.52 4.34
N ARG A 65 -13.20 20.26 4.68
CA ARG A 65 -13.84 19.91 5.93
C ARG A 65 -12.77 19.65 6.98
N ASN A 66 -11.61 19.22 6.52
CA ASN A 66 -10.48 18.96 7.41
C ASN A 66 -9.24 19.62 6.82
N PRO A 67 -8.86 20.79 7.35
CA PRO A 67 -7.73 21.53 6.84
C PRO A 67 -6.40 20.85 7.14
N LYS A 68 -6.37 20.05 8.21
CA LYS A 68 -5.16 19.31 8.61
C LYS A 68 -4.83 18.28 7.50
N LEU A 69 -5.86 17.79 6.83
CA LEU A 69 -5.69 16.78 5.81
C LEU A 69 -4.71 17.11 4.69
N LYS A 70 -3.80 16.20 4.37
CA LYS A 70 -2.77 16.35 3.33
C LYS A 70 -3.00 15.26 2.27
N THR A 71 -2.97 15.59 0.99
CA THR A 71 -3.17 14.59 -0.05
C THR A 71 -1.96 14.55 -0.97
N LEU A 72 -1.61 13.36 -1.46
CA LEU A 72 -0.49 13.19 -2.37
C LEU A 72 -0.96 12.41 -3.58
N LEU A 73 -0.20 12.49 -4.66
CA LEU A 73 -0.49 11.75 -5.86
C LEU A 73 0.60 10.74 -6.07
N SER A 74 0.27 9.55 -6.55
CA SER A 74 1.27 8.50 -6.72
C SER A 74 1.57 8.14 -8.15
N VAL A 75 2.82 7.86 -8.48
CA VAL A 75 3.22 7.53 -9.85
C VAL A 75 3.82 6.16 -9.94
N GLY A 76 3.21 5.29 -10.76
CA GLY A 76 3.70 3.97 -10.92
C GLY A 76 2.62 2.99 -10.65
N GLY A 77 2.96 1.95 -9.89
CA GLY A 77 2.00 0.89 -9.59
C GLY A 77 2.42 -0.40 -10.26
N TRP A 78 1.77 -1.50 -9.88
CA TRP A 78 2.14 -2.77 -10.47
C TRP A 78 1.95 -2.81 -11.99
N ASN A 79 0.76 -2.44 -12.43
CA ASN A 79 0.39 -2.41 -13.88
C ASN A 79 1.06 -1.23 -14.65
N PHE A 80 2.21 -0.80 -14.18
CA PHE A 80 3.00 0.26 -14.81
C PHE A 80 4.36 -0.38 -14.93
N GLY A 81 4.79 -0.76 -16.12
CA GLY A 81 6.03 -1.50 -16.21
C GLY A 81 7.18 -0.71 -15.57
N PRO A 82 8.09 -1.44 -14.93
CA PRO A 82 9.32 -0.88 -14.41
C PRO A 82 10.30 -0.48 -15.50
N GLU A 83 10.31 -1.18 -16.64
CA GLU A 83 11.22 -0.83 -17.71
C GLU A 83 10.93 0.56 -18.08
N ARG A 84 9.68 0.95 -17.88
CA ARG A 84 9.32 2.32 -18.23
C ARG A 84 9.97 3.30 -17.22
N PHE A 85 9.81 3.07 -15.94
CA PHE A 85 10.41 3.93 -14.96
C PHE A 85 11.88 3.93 -15.18
N SER A 86 12.42 2.73 -15.27
CA SER A 86 13.87 2.51 -15.45
C SER A 86 14.55 3.31 -16.56
N LYS A 87 13.82 3.50 -17.66
CA LYS A 87 14.31 4.22 -18.82
C LYS A 87 14.22 5.74 -18.73
N ILE A 88 13.35 6.25 -17.82
CA ILE A 88 13.19 7.71 -17.58
C ILE A 88 14.27 8.13 -16.61
N ALA A 89 14.58 7.26 -15.67
CA ALA A 89 15.49 7.60 -14.63
C ALA A 89 16.93 7.45 -14.97
N SER A 90 17.26 6.66 -15.99
CA SER A 90 18.69 6.45 -16.37
C SER A 90 19.29 7.40 -17.40
N LYS A 91 18.48 8.32 -17.94
CA LYS A 91 18.91 9.31 -18.91
C LYS A 91 18.68 10.64 -18.23
N THR A 92 19.67 11.21 -17.60
CA THR A 92 19.46 12.49 -16.92
C THR A 92 18.64 13.47 -17.71
N GLN A 93 18.71 13.43 -19.01
CA GLN A 93 17.93 14.38 -19.78
C GLN A 93 16.44 14.08 -19.66
N SER A 94 16.05 12.83 -19.81
CA SER A 94 14.64 12.49 -19.75
C SER A 94 14.18 12.55 -18.31
N ARG A 95 15.12 12.42 -17.41
CA ARG A 95 14.83 12.45 -15.97
C ARG A 95 14.54 13.87 -15.48
N ARG A 96 15.45 14.77 -15.83
CA ARG A 96 15.34 16.15 -15.44
C ARG A 96 14.03 16.76 -16.01
N THR A 97 13.60 16.24 -17.13
CA THR A 97 12.38 16.72 -17.76
C THR A 97 11.15 16.30 -16.98
N PHE A 98 11.10 15.05 -16.55
CA PHE A 98 9.98 14.53 -15.77
C PHE A 98 9.86 15.31 -14.47
N ILE A 99 10.98 15.51 -13.78
CA ILE A 99 11.01 16.26 -12.54
C ILE A 99 10.42 17.64 -12.69
N LYS A 100 10.89 18.41 -13.64
CA LYS A 100 10.40 19.78 -13.86
C LYS A 100 8.91 19.80 -14.15
N SER A 101 8.37 18.72 -14.65
CA SER A 101 6.97 18.72 -14.98
C SER A 101 6.10 18.48 -13.81
N VAL A 102 6.67 17.97 -12.71
CA VAL A 102 5.90 17.60 -11.53
C VAL A 102 5.27 18.70 -10.62
N PRO A 103 6.05 19.62 -10.08
CA PRO A 103 5.48 20.66 -9.20
C PRO A 103 4.25 21.42 -9.78
N PRO A 104 4.32 21.92 -11.00
CA PRO A 104 3.16 22.62 -11.52
C PRO A 104 1.92 21.70 -11.61
N PHE A 105 2.11 20.44 -11.94
CA PHE A 105 0.98 19.54 -12.07
C PHE A 105 0.30 19.39 -10.70
N LEU A 106 1.11 19.07 -9.70
CA LEU A 106 0.64 18.95 -8.33
C LEU A 106 -0.08 20.24 -7.93
N ARG A 107 0.51 21.38 -8.19
CA ARG A 107 -0.08 22.64 -7.80
C ARG A 107 -1.43 22.94 -8.51
N THR A 108 -1.48 22.68 -9.79
CA THR A 108 -2.70 22.92 -10.53
C THR A 108 -3.84 22.13 -9.90
N HIS A 109 -3.61 20.85 -9.60
CA HIS A 109 -4.65 19.98 -9.05
C HIS A 109 -4.74 19.91 -7.53
N GLY A 110 -3.98 20.75 -6.85
CA GLY A 110 -4.04 20.85 -5.42
C GLY A 110 -3.48 19.76 -4.57
N PHE A 111 -2.46 19.06 -5.04
CA PHE A 111 -1.84 17.99 -4.22
C PHE A 111 -0.75 18.56 -3.34
N ASP A 112 -0.53 17.97 -2.19
CA ASP A 112 0.46 18.45 -1.27
C ASP A 112 1.77 17.70 -1.42
N GLY A 113 1.86 16.87 -2.45
CA GLY A 113 3.07 16.12 -2.66
C GLY A 113 2.90 14.95 -3.62
N LEU A 114 4.04 14.36 -3.95
CA LEU A 114 4.11 13.24 -4.87
C LEU A 114 4.62 11.99 -4.21
N ASP A 115 4.16 10.84 -4.70
CA ASP A 115 4.58 9.53 -4.19
C ASP A 115 5.11 8.63 -5.31
N LEU A 116 6.26 8.01 -5.07
CA LEU A 116 6.87 7.13 -6.07
C LEU A 116 6.60 5.65 -5.82
N ALA A 117 5.85 5.04 -6.73
CA ALA A 117 5.54 3.62 -6.63
C ALA A 117 6.19 2.84 -7.77
N TRP A 118 7.50 3.01 -7.92
CA TRP A 118 8.29 2.29 -8.90
C TRP A 118 8.28 0.88 -8.39
N LEU A 119 7.46 0.04 -8.99
CA LEU A 119 7.38 -1.30 -8.46
C LEU A 119 8.46 -2.25 -8.93
N TYR A 120 9.50 -2.19 -8.10
CA TYR A 120 10.70 -2.98 -8.14
C TYR A 120 11.79 -2.58 -9.08
N PRO A 121 12.78 -1.86 -8.58
CA PRO A 121 13.97 -1.42 -9.27
C PRO A 121 14.94 -2.60 -9.25
N GLY A 122 15.77 -2.74 -10.27
CA GLY A 122 16.64 -3.86 -10.29
C GLY A 122 18.07 -3.53 -9.95
N ARG A 123 18.91 -4.55 -10.02
CA ARG A 123 20.33 -4.40 -9.77
C ARG A 123 20.85 -3.22 -10.53
N ARG A 124 20.45 -3.08 -11.79
CA ARG A 124 20.89 -1.98 -12.65
C ARG A 124 20.15 -0.68 -12.44
N ASP A 125 19.32 -0.56 -11.42
CA ASP A 125 18.59 0.67 -11.23
C ASP A 125 18.86 1.39 -9.94
N LYS A 126 19.47 0.69 -8.96
CA LYS A 126 19.80 1.21 -7.63
C LYS A 126 20.34 2.63 -7.71
N ARG A 127 21.35 2.86 -8.52
CA ARG A 127 22.00 4.16 -8.64
C ARG A 127 21.08 5.24 -9.17
N HIS A 128 20.22 4.94 -10.12
CA HIS A 128 19.32 5.93 -10.70
C HIS A 128 18.11 6.24 -9.80
N LEU A 129 17.66 5.25 -9.03
CA LEU A 129 16.56 5.48 -8.13
C LEU A 129 17.11 6.58 -7.26
N THR A 130 18.32 6.43 -6.78
CA THR A 130 18.95 7.42 -5.94
C THR A 130 19.02 8.76 -6.58
N ALA A 131 19.40 8.80 -7.82
CA ALA A 131 19.51 10.10 -8.53
C ALA A 131 18.19 10.79 -8.57
N LEU A 132 17.18 10.03 -8.95
CA LEU A 132 15.80 10.50 -9.08
C LEU A 132 15.18 11.08 -7.80
N VAL A 133 15.47 10.43 -6.68
CA VAL A 133 14.91 10.90 -5.41
C VAL A 133 15.60 12.19 -5.03
N LYS A 134 16.92 12.11 -5.07
CA LYS A 134 17.78 13.22 -4.72
C LYS A 134 17.35 14.43 -5.53
N GLU A 135 17.45 14.33 -6.85
CA GLU A 135 17.12 15.44 -7.74
C GLU A 135 15.71 15.95 -7.61
N MET A 136 14.77 15.05 -7.44
CA MET A 136 13.35 15.40 -7.30
C MET A 136 13.16 16.22 -6.04
N LYS A 137 13.76 15.79 -4.96
CA LYS A 137 13.64 16.52 -3.68
C LYS A 137 14.26 17.91 -3.82
N ALA A 138 15.40 17.98 -4.50
CA ALA A 138 16.09 19.25 -4.70
C ALA A 138 15.16 20.23 -5.39
N GLU A 139 14.44 19.73 -6.36
CA GLU A 139 13.48 20.51 -7.15
C GLU A 139 12.36 21.01 -6.28
N PHE A 140 11.97 20.24 -5.27
CA PHE A 140 10.88 20.66 -4.38
C PHE A 140 11.32 21.79 -3.43
N ALA A 141 12.56 21.73 -2.97
CA ALA A 141 13.14 22.74 -2.08
C ALA A 141 13.25 24.05 -2.80
N ARG A 142 13.83 24.01 -3.98
CA ARG A 142 13.98 25.19 -4.83
C ARG A 142 12.66 25.82 -5.17
N GLU A 143 11.63 25.04 -5.22
CA GLU A 143 10.32 25.57 -5.59
C GLU A 143 9.57 26.13 -4.42
N ALA A 144 9.93 25.75 -3.22
CA ALA A 144 9.22 26.28 -2.06
C ALA A 144 9.57 27.75 -1.88
N GLN A 145 10.55 28.19 -2.64
CA GLN A 145 10.97 29.56 -2.53
C GLN A 145 9.93 30.55 -2.99
N ALA A 146 9.04 30.10 -3.86
CA ALA A 146 7.97 30.95 -4.39
C ALA A 146 6.97 31.27 -3.28
N GLY A 147 7.38 31.00 -2.06
CA GLY A 147 6.57 31.30 -0.89
C GLY A 147 5.29 30.52 -0.80
N THR A 148 5.42 29.24 -0.96
CA THR A 148 4.31 28.33 -0.83
C THR A 148 4.84 27.12 -0.07
N GLU A 149 3.99 26.27 0.44
CA GLU A 149 4.48 25.13 1.22
C GLU A 149 5.19 24.03 0.43
N ARG A 150 6.35 23.60 0.92
CA ARG A 150 7.16 22.56 0.29
C ARG A 150 6.38 21.31 0.02
N LEU A 151 6.41 20.81 -1.20
CA LEU A 151 5.67 19.61 -1.57
C LEU A 151 6.35 18.37 -0.92
N LEU A 152 5.55 17.44 -0.38
CA LEU A 152 6.12 16.25 0.23
C LEU A 152 6.62 15.24 -0.81
N LEU A 153 7.59 14.39 -0.46
CA LEU A 153 8.09 13.40 -1.34
C LEU A 153 8.22 12.11 -0.61
N SER A 154 7.54 11.08 -1.10
CA SER A 154 7.57 9.75 -0.47
C SER A 154 7.74 8.65 -1.46
N ALA A 155 7.94 7.45 -0.96
CA ALA A 155 8.14 6.28 -1.79
C ALA A 155 7.56 4.99 -1.15
N ALA A 156 7.05 4.10 -1.99
CA ALA A 156 6.49 2.83 -1.54
C ALA A 156 7.57 1.80 -1.88
N VAL A 157 8.15 1.18 -0.87
CA VAL A 157 9.23 0.21 -1.05
C VAL A 157 8.84 -1.24 -0.78
N SER A 158 9.60 -2.15 -1.39
CA SER A 158 9.42 -3.59 -1.24
C SER A 158 9.79 -3.97 0.15
N ALA A 159 9.25 -5.06 0.65
CA ALA A 159 9.61 -5.56 2.00
C ALA A 159 10.33 -6.85 1.85
N GLY A 160 10.61 -7.29 0.65
CA GLY A 160 11.31 -8.54 0.43
C GLY A 160 12.83 -8.36 0.42
N LYS A 161 13.48 -8.98 1.41
CA LYS A 161 14.94 -8.89 1.58
C LYS A 161 15.72 -8.88 0.28
N ILE A 162 15.46 -9.83 -0.58
CA ILE A 162 16.17 -9.91 -1.83
C ILE A 162 15.90 -8.69 -2.74
N ALA A 163 14.71 -8.15 -2.66
CA ALA A 163 14.37 -6.97 -3.46
C ALA A 163 15.04 -5.68 -2.95
N ILE A 164 15.23 -5.61 -1.66
CA ILE A 164 15.82 -4.44 -1.01
C ILE A 164 17.32 -4.40 -1.28
N ASP A 165 17.96 -5.57 -1.25
CA ASP A 165 19.39 -5.69 -1.48
C ASP A 165 19.69 -5.42 -2.94
N ARG A 166 18.78 -5.84 -3.79
CA ARG A 166 18.95 -5.68 -5.23
C ARG A 166 18.78 -4.33 -5.85
N GLY A 167 17.77 -3.59 -5.42
CA GLY A 167 17.50 -2.29 -6.04
C GLY A 167 17.38 -1.03 -5.22
N TYR A 168 17.61 -1.08 -3.92
CA TYR A 168 17.46 0.12 -3.11
C TYR A 168 18.70 0.45 -2.29
N ASP A 169 18.98 1.73 -2.18
CA ASP A 169 20.06 2.19 -1.35
C ASP A 169 19.34 2.94 -0.23
N ILE A 170 18.71 2.17 0.65
CA ILE A 170 17.92 2.71 1.77
C ILE A 170 18.56 3.92 2.49
N ALA A 171 19.81 3.79 2.89
CA ALA A 171 20.47 4.88 3.61
C ALA A 171 20.40 6.22 2.88
N GLN A 172 20.60 6.18 1.58
CA GLN A 172 20.59 7.38 0.76
C GLN A 172 19.23 7.97 0.55
N ILE A 173 18.28 7.22 0.04
CA ILE A 173 16.97 7.78 -0.25
C ILE A 173 16.18 8.13 1.01
N SER A 174 16.59 7.72 2.17
CA SER A 174 15.87 8.04 3.42
C SER A 174 16.18 9.46 3.80
N ARG A 175 17.36 9.92 3.40
CA ARG A 175 17.78 11.28 3.67
C ARG A 175 16.85 12.25 2.95
N HIS A 176 16.52 11.95 1.70
CA HIS A 176 15.67 12.81 0.89
C HIS A 176 14.16 12.58 0.88
N LEU A 177 13.67 11.47 1.45
CA LEU A 177 12.26 11.17 1.46
C LEU A 177 11.63 11.59 2.72
N ASP A 178 10.42 12.14 2.62
CA ASP A 178 9.65 12.60 3.78
C ASP A 178 9.12 11.41 4.60
N PHE A 179 8.94 10.28 3.91
CA PHE A 179 8.52 9.02 4.50
C PHE A 179 8.59 7.86 3.50
N ILE A 180 8.74 6.69 4.04
CA ILE A 180 8.92 5.47 3.31
C ILE A 180 7.81 4.48 3.70
N SER A 181 7.09 3.95 2.73
CA SER A 181 5.99 3.04 3.04
C SER A 181 6.42 1.65 2.73
N LEU A 182 6.32 0.75 3.71
CA LEU A 182 6.74 -0.63 3.55
C LEU A 182 5.66 -1.53 3.07
N LEU A 183 5.77 -2.04 1.84
CA LEU A 183 4.80 -2.94 1.27
C LEU A 183 4.88 -4.33 1.97
N THR A 184 4.51 -4.38 3.23
CA THR A 184 4.59 -5.61 3.96
C THR A 184 3.34 -6.46 3.84
N TYR A 185 3.05 -6.93 2.64
CA TYR A 185 1.88 -7.78 2.46
C TYR A 185 1.85 -8.70 1.26
N ASP A 186 2.85 -8.63 0.39
CA ASP A 186 2.84 -9.54 -0.78
C ASP A 186 3.75 -10.76 -0.59
N PHE A 187 4.18 -11.00 0.63
CA PHE A 187 5.08 -12.07 0.96
C PHE A 187 4.88 -13.42 0.27
N HIS A 188 3.73 -14.06 0.47
CA HIS A 188 3.47 -15.32 -0.22
C HIS A 188 3.09 -14.87 -1.63
N GLY A 189 4.15 -14.42 -2.30
CA GLY A 189 4.13 -13.92 -3.65
C GLY A 189 3.95 -14.89 -4.79
N ALA A 190 3.00 -14.46 -5.63
CA ALA A 190 2.50 -15.00 -6.92
C ALA A 190 2.86 -16.44 -7.24
N TRP A 191 4.12 -16.78 -7.19
CA TRP A 191 4.38 -18.28 -7.25
C TRP A 191 3.74 -19.48 -6.56
N ARG A 192 4.67 -20.30 -6.04
CA ARG A 192 4.52 -21.54 -5.30
C ARG A 192 3.15 -21.94 -4.84
N GLN A 193 2.93 -23.23 -5.10
CA GLN A 193 1.70 -23.90 -4.89
C GLN A 193 1.57 -24.53 -3.52
N THR A 194 1.62 -23.72 -2.48
CA THR A 194 1.36 -24.18 -1.12
C THR A 194 0.54 -23.11 -0.51
N VAL A 195 -0.38 -23.46 0.36
CA VAL A 195 -1.21 -22.48 1.02
C VAL A 195 -0.27 -21.71 1.92
N GLY A 196 -0.54 -20.44 2.14
CA GLY A 196 0.30 -19.63 2.98
C GLY A 196 -0.28 -18.25 3.14
N HIS A 197 0.13 -17.54 4.20
CA HIS A 197 -0.40 -16.19 4.48
C HIS A 197 0.54 -15.10 3.92
N HIS A 198 -0.01 -14.20 3.14
CA HIS A 198 0.73 -13.16 2.50
C HIS A 198 1.19 -12.08 3.39
N SER A 199 0.56 -11.82 4.50
CA SER A 199 1.07 -10.75 5.37
C SER A 199 1.21 -11.15 6.82
N PRO A 200 2.03 -12.14 7.12
CA PRO A 200 2.15 -12.55 8.50
C PRO A 200 3.00 -11.58 9.23
N LEU A 201 2.76 -11.45 10.52
CA LEU A 201 3.49 -10.50 11.37
C LEU A 201 4.83 -11.01 11.82
N PHE A 202 4.87 -12.28 12.30
CA PHE A 202 6.09 -12.87 12.77
C PHE A 202 6.54 -14.04 11.95
N ARG A 203 7.59 -14.71 12.38
CA ARG A 203 8.15 -15.84 11.63
C ARG A 203 7.30 -17.06 11.65
N GLY A 204 6.32 -17.13 12.52
CA GLY A 204 5.51 -18.34 12.54
C GLY A 204 6.46 -19.49 12.79
N ASN A 205 7.30 -19.29 13.81
CA ASN A 205 8.34 -20.23 14.30
C ASN A 205 8.11 -21.75 14.09
N SER A 206 7.00 -22.12 13.49
CA SER A 206 6.73 -23.52 13.22
C SER A 206 7.12 -23.77 11.77
N ASP A 207 7.60 -22.70 11.13
CA ASP A 207 8.04 -22.70 9.74
C ASP A 207 9.56 -22.46 9.71
N ALA A 208 10.31 -23.31 9.03
CA ALA A 208 11.76 -23.18 9.01
C ALA A 208 12.43 -22.51 7.78
N SER A 209 11.86 -22.70 6.58
CA SER A 209 12.47 -22.19 5.32
C SER A 209 12.71 -20.69 5.10
N SER A 210 11.64 -19.88 5.08
CA SER A 210 11.79 -18.45 4.80
C SER A 210 11.43 -17.51 5.94
N ARG A 211 12.48 -17.10 6.72
CA ARG A 211 12.30 -16.19 7.81
C ARG A 211 12.26 -14.75 7.34
N PHE A 212 12.73 -14.49 6.14
CA PHE A 212 12.75 -13.13 5.66
C PHE A 212 11.35 -12.58 5.32
N SER A 213 10.33 -13.45 5.31
CA SER A 213 8.97 -13.08 4.96
C SER A 213 7.98 -12.85 6.12
N ASN A 214 7.93 -11.60 6.59
CA ASN A 214 7.04 -11.13 7.65
C ASN A 214 7.38 -9.68 8.02
N ALA A 215 6.39 -8.96 8.46
CA ALA A 215 6.57 -7.58 8.86
C ALA A 215 7.84 -7.42 9.78
N ASP A 216 7.90 -8.18 10.86
CA ASP A 216 9.03 -8.09 11.76
C ASP A 216 10.39 -8.16 11.14
N TYR A 217 10.68 -9.19 10.38
CA TYR A 217 12.00 -9.27 9.74
C TYR A 217 12.24 -8.02 8.91
N ALA A 218 11.31 -7.75 7.99
CA ALA A 218 11.40 -6.59 7.09
C ALA A 218 11.75 -5.31 7.84
N VAL A 219 11.00 -5.01 8.90
CA VAL A 219 11.23 -3.79 9.67
C VAL A 219 12.61 -3.72 10.27
N SER A 220 12.97 -4.74 11.06
CA SER A 220 14.31 -4.80 11.70
C SER A 220 15.36 -4.54 10.65
N TYR A 221 15.25 -5.25 9.54
CA TYR A 221 16.21 -5.14 8.43
C TYR A 221 16.40 -3.70 7.95
N MET A 222 15.29 -3.06 7.57
CA MET A 222 15.31 -1.68 7.12
C MET A 222 16.01 -0.77 8.13
N LEU A 223 15.81 -1.04 9.40
CA LEU A 223 16.43 -0.24 10.43
C LEU A 223 17.95 -0.47 10.37
N ARG A 224 18.36 -1.73 10.18
CA ARG A 224 19.76 -2.02 10.12
C ARG A 224 20.34 -1.33 8.91
N LEU A 225 19.71 -1.47 7.76
CA LEU A 225 20.23 -0.85 6.54
C LEU A 225 20.39 0.66 6.72
N GLY A 226 19.70 1.28 7.68
CA GLY A 226 19.86 2.72 7.89
C GLY A 226 18.65 3.66 7.82
N ALA A 227 17.49 3.16 7.47
CA ALA A 227 16.33 4.00 7.39
C ALA A 227 15.97 4.37 8.81
N PRO A 228 15.68 5.61 9.10
CA PRO A 228 15.31 5.96 10.46
C PRO A 228 13.81 5.69 10.82
N ALA A 229 13.56 5.22 12.01
CA ALA A 229 12.24 4.91 12.48
C ALA A 229 11.24 6.00 12.20
N ASN A 230 11.56 7.26 12.45
CA ASN A 230 10.57 8.32 12.24
C ASN A 230 10.23 8.67 10.80
N LYS A 231 10.66 7.83 9.87
CA LYS A 231 10.37 8.00 8.43
C LYS A 231 9.70 6.72 7.88
N LEU A 232 9.86 5.64 8.59
CA LEU A 232 9.26 4.35 8.21
C LEU A 232 7.77 4.28 8.51
N VAL A 233 7.02 3.78 7.56
CA VAL A 233 5.61 3.58 7.70
C VAL A 233 5.33 2.13 7.30
N MET A 234 4.73 1.37 8.19
CA MET A 234 4.46 -0.03 7.92
C MET A 234 3.12 -0.26 7.19
N GLY A 235 3.19 -0.99 6.10
CA GLY A 235 2.04 -1.32 5.29
C GLY A 235 1.06 -2.34 5.86
N ILE A 236 -0.19 -1.98 5.91
CA ILE A 236 -1.18 -2.91 6.37
C ILE A 236 -2.13 -3.12 5.21
N PRO A 237 -2.50 -4.38 4.92
CA PRO A 237 -3.45 -4.65 3.84
C PRO A 237 -4.89 -4.65 4.32
N THR A 238 -5.81 -4.43 3.38
CA THR A 238 -7.23 -4.40 3.67
C THR A 238 -7.92 -5.38 2.71
N PHE A 239 -7.15 -6.22 2.04
CA PHE A 239 -7.66 -7.21 1.14
C PHE A 239 -7.12 -8.59 1.53
N GLY A 240 -7.69 -9.63 0.94
CA GLY A 240 -7.27 -10.98 1.22
C GLY A 240 -6.80 -11.70 -0.02
N ARG A 241 -5.86 -12.59 0.14
CA ARG A 241 -5.35 -13.35 -0.95
C ARG A 241 -6.02 -14.70 -0.87
N SER A 242 -6.57 -15.16 -1.99
CA SER A 242 -7.30 -16.46 -2.04
C SER A 242 -6.74 -17.55 -2.96
N PHE A 243 -6.95 -18.79 -2.59
CA PHE A 243 -6.46 -19.96 -3.36
C PHE A 243 -7.57 -21.00 -3.54
N THR A 244 -7.45 -21.77 -4.62
CA THR A 244 -8.37 -22.86 -4.86
C THR A 244 -7.56 -24.09 -4.42
N LEU A 245 -8.00 -24.74 -3.35
CA LEU A 245 -7.33 -25.89 -2.84
C LEU A 245 -7.27 -26.98 -3.87
N ALA A 246 -6.41 -27.98 -3.65
CA ALA A 246 -6.23 -29.11 -4.56
C ALA A 246 -6.29 -30.40 -3.78
N SER A 247 -6.90 -30.37 -2.60
CA SER A 247 -7.04 -31.55 -1.76
C SER A 247 -7.86 -31.22 -0.50
N SER A 248 -8.15 -32.22 0.29
CA SER A 248 -8.92 -32.01 1.48
C SER A 248 -8.09 -31.29 2.51
N LYS A 249 -6.77 -31.30 2.34
CA LYS A 249 -5.87 -30.68 3.31
C LYS A 249 -6.08 -29.16 3.35
N THR A 250 -6.10 -28.62 4.57
CA THR A 250 -6.33 -27.22 4.81
C THR A 250 -5.30 -26.49 5.69
N ASP A 251 -4.41 -27.23 6.32
CA ASP A 251 -3.40 -26.62 7.20
C ASP A 251 -2.15 -26.21 6.49
N VAL A 252 -1.19 -25.73 7.25
CA VAL A 252 0.07 -25.27 6.71
C VAL A 252 0.67 -26.29 5.73
N GLY A 253 1.07 -25.78 4.55
CA GLY A 253 1.69 -26.61 3.50
C GLY A 253 0.76 -27.22 2.46
N ALA A 254 -0.54 -27.26 2.76
CA ALA A 254 -1.53 -27.82 1.85
C ALA A 254 -1.31 -27.36 0.37
N PRO A 255 -1.49 -28.28 -0.56
CA PRO A 255 -1.31 -28.00 -1.98
C PRO A 255 -2.38 -27.13 -2.69
N ILE A 256 -1.91 -26.24 -3.56
CA ILE A 256 -2.82 -25.34 -4.24
C ILE A 256 -2.86 -25.67 -5.70
N SER A 257 -4.04 -25.55 -6.33
CA SER A 257 -4.20 -25.80 -7.74
C SER A 257 -4.21 -24.52 -8.51
N GLY A 258 -4.37 -23.38 -7.85
CA GLY A 258 -4.39 -22.09 -8.55
C GLY A 258 -4.99 -21.02 -7.63
N PRO A 259 -5.26 -19.82 -8.15
CA PRO A 259 -5.84 -18.75 -7.33
C PRO A 259 -7.28 -19.07 -6.91
N GLY A 260 -7.92 -18.18 -6.19
CA GLY A 260 -9.29 -18.38 -5.75
C GLY A 260 -10.21 -17.77 -6.80
N ILE A 261 -11.50 -18.11 -6.77
CA ILE A 261 -12.40 -17.53 -7.77
C ILE A 261 -12.70 -16.11 -7.36
N PRO A 262 -13.00 -15.30 -8.33
CA PRO A 262 -13.25 -13.86 -8.17
C PRO A 262 -14.36 -13.45 -7.22
N GLY A 263 -14.21 -12.24 -6.71
CA GLY A 263 -15.19 -11.67 -5.81
C GLY A 263 -16.27 -11.08 -6.64
N ARG A 264 -17.51 -11.15 -6.21
CA ARG A 264 -18.62 -10.64 -7.00
C ARG A 264 -18.50 -9.15 -7.42
N PHE A 265 -17.77 -8.34 -6.65
CA PHE A 265 -17.63 -6.96 -6.96
C PHE A 265 -16.19 -6.69 -7.40
N THR A 266 -15.25 -7.29 -6.72
CA THR A 266 -13.87 -7.07 -7.02
C THR A 266 -13.45 -7.63 -8.42
N LYS A 267 -14.16 -8.66 -8.87
CA LYS A 267 -13.88 -9.29 -10.14
C LYS A 267 -12.39 -9.45 -10.47
N GLU A 268 -11.67 -10.21 -9.69
CA GLU A 268 -10.24 -10.45 -9.95
C GLU A 268 -9.75 -11.68 -9.17
N LYS A 269 -9.11 -12.59 -9.87
CA LYS A 269 -8.61 -13.80 -9.27
C LYS A 269 -7.61 -13.61 -8.19
N GLY A 270 -7.63 -14.49 -7.20
CA GLY A 270 -6.70 -14.47 -6.10
C GLY A 270 -6.76 -13.30 -5.17
N ILE A 271 -7.77 -12.49 -5.37
CA ILE A 271 -7.96 -11.28 -4.56
C ILE A 271 -9.41 -11.17 -4.05
N LEU A 272 -9.56 -10.51 -2.91
CA LEU A 272 -10.86 -10.29 -2.30
C LEU A 272 -10.89 -9.04 -1.45
N ALA A 273 -11.83 -8.16 -1.71
CA ALA A 273 -11.95 -6.98 -0.89
C ALA A 273 -12.34 -7.45 0.51
N TYR A 274 -12.14 -6.64 1.52
CA TYR A 274 -12.49 -7.06 2.86
C TYR A 274 -13.98 -7.22 3.03
N TYR A 275 -14.76 -6.28 2.49
CA TYR A 275 -16.21 -6.31 2.61
C TYR A 275 -16.75 -7.59 1.97
N GLU A 276 -15.99 -8.17 1.03
CA GLU A 276 -16.36 -9.40 0.33
C GLU A 276 -16.08 -10.57 1.26
N ILE A 277 -14.97 -10.45 1.97
CA ILE A 277 -14.52 -11.45 2.92
C ILE A 277 -15.52 -11.58 4.07
N CYS A 278 -16.14 -10.46 4.42
CA CYS A 278 -17.12 -10.43 5.48
C CYS A 278 -18.29 -11.31 5.08
N ASP A 279 -18.74 -11.18 3.86
CA ASP A 279 -19.84 -11.99 3.38
C ASP A 279 -19.35 -13.43 3.30
N PHE A 280 -18.17 -13.65 2.74
CA PHE A 280 -17.59 -14.99 2.63
C PHE A 280 -17.55 -15.83 3.95
N LEU A 281 -17.18 -15.20 5.04
CA LEU A 281 -17.07 -15.87 6.29
C LEU A 281 -18.28 -16.65 6.71
N HIS A 282 -19.46 -16.27 6.19
CA HIS A 282 -20.72 -16.97 6.53
C HIS A 282 -20.71 -18.40 5.98
N GLY A 283 -20.59 -19.36 6.89
CA GLY A 283 -20.54 -20.75 6.52
C GLY A 283 -19.11 -21.19 6.30
N ALA A 284 -18.19 -20.28 6.57
CA ALA A 284 -16.76 -20.56 6.41
C ALA A 284 -16.18 -20.96 7.76
N THR A 285 -15.11 -21.71 7.73
CA THR A 285 -14.45 -22.13 8.94
C THR A 285 -13.32 -21.12 9.11
N THR A 286 -13.05 -20.68 10.32
CA THR A 286 -11.99 -19.69 10.52
C THR A 286 -10.91 -20.28 11.40
N HIS A 287 -9.68 -20.00 11.05
CA HIS A 287 -8.53 -20.45 11.79
C HIS A 287 -7.62 -19.25 12.02
N ARG A 288 -6.58 -19.42 12.85
CA ARG A 288 -5.67 -18.31 13.15
C ARG A 288 -4.30 -18.73 13.61
N PHE A 289 -3.30 -18.48 12.78
CA PHE A 289 -1.92 -18.79 13.08
C PHE A 289 -1.54 -18.05 14.32
N ARG A 290 -1.36 -18.75 15.40
CA ARG A 290 -0.97 -18.14 16.64
C ARG A 290 0.41 -17.53 16.48
N ASP A 291 1.32 -18.26 15.86
CA ASP A 291 2.69 -17.85 15.62
C ASP A 291 2.74 -16.46 14.94
N GLN A 292 2.14 -16.35 13.77
CA GLN A 292 2.18 -15.13 12.97
C GLN A 292 1.09 -14.11 13.29
N GLN A 293 0.14 -14.53 14.10
CA GLN A 293 -0.95 -13.68 14.55
C GLN A 293 -1.76 -13.10 13.37
N VAL A 294 -2.28 -13.96 12.52
CA VAL A 294 -3.07 -13.54 11.41
C VAL A 294 -4.01 -14.67 11.13
N PRO A 295 -5.26 -14.38 10.74
CA PRO A 295 -6.29 -15.35 10.43
C PRO A 295 -6.41 -15.79 9.00
N TYR A 296 -7.08 -16.94 8.82
CA TYR A 296 -7.37 -17.51 7.50
C TYR A 296 -8.69 -18.27 7.56
N ALA A 297 -9.37 -18.41 6.44
CA ALA A 297 -10.65 -19.12 6.42
C ALA A 297 -10.78 -20.03 5.21
N THR A 298 -11.59 -21.07 5.37
CA THR A 298 -11.86 -22.03 4.31
C THR A 298 -13.33 -22.30 4.25
N LYS A 299 -13.80 -22.56 3.05
CA LYS A 299 -15.19 -22.83 2.80
C LYS A 299 -15.18 -23.50 1.43
N GLY A 300 -15.61 -24.76 1.37
CA GLY A 300 -15.57 -25.44 0.08
C GLY A 300 -14.12 -25.72 -0.28
N ASN A 301 -13.70 -25.46 -1.47
CA ASN A 301 -12.34 -25.68 -1.89
C ASN A 301 -11.62 -24.37 -1.97
N GLN A 302 -12.09 -23.38 -1.22
CA GLN A 302 -11.45 -22.06 -1.18
C GLN A 302 -10.80 -21.77 0.18
N TRP A 303 -9.54 -21.34 0.15
CA TRP A 303 -8.77 -21.02 1.35
C TRP A 303 -8.42 -19.53 1.22
N VAL A 304 -8.80 -18.75 2.21
CA VAL A 304 -8.53 -17.33 2.19
C VAL A 304 -7.63 -16.87 3.34
N ALA A 305 -6.55 -16.18 3.00
CA ALA A 305 -5.66 -15.63 4.01
C ALA A 305 -6.04 -14.16 4.11
N TYR A 306 -6.31 -13.62 5.31
CA TYR A 306 -6.69 -12.23 5.41
C TYR A 306 -6.34 -11.53 6.71
N ASP A 307 -6.83 -10.32 6.85
CA ASP A 307 -6.61 -9.49 8.03
C ASP A 307 -7.92 -8.96 8.56
N ASP A 308 -8.12 -9.22 9.84
CA ASP A 308 -9.31 -8.80 10.51
C ASP A 308 -8.97 -7.67 11.43
N GLN A 309 -10.00 -7.16 12.11
CA GLN A 309 -9.91 -6.05 13.04
C GLN A 309 -8.81 -6.23 14.07
N GLU A 310 -8.59 -7.44 14.48
CA GLU A 310 -7.60 -7.59 15.51
C GLU A 310 -6.19 -7.98 15.08
N SER A 311 -6.03 -8.58 13.93
CA SER A 311 -4.72 -8.88 13.50
C SER A 311 -4.19 -7.52 13.11
N VAL A 312 -5.08 -6.66 12.73
CA VAL A 312 -4.73 -5.30 12.32
C VAL A 312 -4.44 -4.41 13.53
N LYS A 313 -5.25 -4.57 14.56
CA LYS A 313 -5.03 -3.82 15.81
C LYS A 313 -3.68 -4.16 16.38
N ASN A 314 -3.20 -5.34 16.00
CA ASN A 314 -1.96 -5.91 16.53
C ASN A 314 -0.67 -5.42 15.81
N LYS A 315 -0.80 -5.35 14.47
CA LYS A 315 0.25 -4.90 13.61
C LYS A 315 0.46 -3.48 14.03
N ALA A 316 -0.66 -2.75 14.27
CA ALA A 316 -0.63 -1.35 14.66
C ALA A 316 0.11 -1.17 15.96
N ARG A 317 -0.16 -2.09 16.84
CA ARG A 317 0.46 -2.07 18.16
C ARG A 317 1.96 -2.33 18.06
N TYR A 318 2.39 -3.20 17.14
CA TYR A 318 3.81 -3.51 16.95
C TYR A 318 4.53 -2.26 16.55
N LEU A 319 4.04 -1.69 15.47
CA LEU A 319 4.51 -0.49 14.81
C LEU A 319 4.88 0.54 15.87
N LYS A 320 4.00 0.71 16.86
CA LYS A 320 4.22 1.72 17.93
C LYS A 320 5.34 1.35 18.84
N ASN A 321 5.37 0.12 19.28
CA ASN A 321 6.44 -0.38 20.17
C ASN A 321 7.81 -0.30 19.57
N ARG A 322 7.90 -0.40 18.23
CA ARG A 322 9.19 -0.27 17.54
C ARG A 322 9.39 1.18 17.14
N GLN A 323 8.48 2.01 17.58
CA GLN A 323 8.51 3.45 17.33
C GLN A 323 8.59 3.96 15.92
N LEU A 324 7.80 3.41 15.02
CA LEU A 324 7.83 3.86 13.65
C LEU A 324 6.95 5.09 13.48
N ALA A 325 7.04 5.70 12.31
CA ALA A 325 6.31 6.91 11.98
C ALA A 325 4.81 6.75 11.91
N GLY A 326 4.35 5.62 11.45
CA GLY A 326 2.91 5.39 11.36
C GLY A 326 2.60 4.13 10.53
N ALA A 327 1.37 4.05 10.10
CA ALA A 327 0.95 2.91 9.33
C ALA A 327 0.39 3.34 7.98
N MET A 328 0.53 2.47 6.99
CA MET A 328 0.04 2.67 5.67
C MET A 328 -1.00 1.61 5.41
N VAL A 329 -2.13 2.01 4.86
CA VAL A 329 -3.22 1.08 4.58
C VAL A 329 -3.51 1.02 3.14
N TRP A 330 -3.32 -0.13 2.54
CA TRP A 330 -3.58 -0.24 1.09
C TRP A 330 -5.06 -0.43 0.76
N ALA A 331 -5.59 0.63 0.07
CA ALA A 331 -6.94 0.81 -0.44
C ALA A 331 -8.08 0.96 0.58
N LEU A 332 -8.52 2.22 0.75
CA LEU A 332 -9.66 2.57 1.60
C LEU A 332 -10.84 2.02 0.90
N ASP A 333 -10.71 1.77 -0.42
CA ASP A 333 -11.78 1.25 -1.26
C ASP A 333 -11.93 -0.24 -1.15
N LEU A 334 -10.93 -0.89 -0.58
CA LEU A 334 -11.00 -2.37 -0.39
C LEU A 334 -11.55 -2.68 1.02
N ASP A 335 -11.60 -1.65 1.83
CA ASP A 335 -12.12 -1.77 3.21
C ASP A 335 -13.61 -1.67 3.05
N ASP A 336 -14.35 -1.79 4.14
CA ASP A 336 -15.81 -1.67 4.09
C ASP A 336 -16.19 -0.18 4.21
N PHE A 337 -15.99 0.56 3.14
CA PHE A 337 -16.24 2.00 3.14
C PHE A 337 -17.68 2.36 3.36
N ARG A 338 -18.60 1.47 2.97
CA ARG A 338 -20.02 1.75 3.20
C ARG A 338 -20.37 1.40 4.61
N GLY A 339 -19.77 0.32 5.10
CA GLY A 339 -20.00 -0.16 6.45
C GLY A 339 -21.27 -1.02 6.59
N THR A 340 -21.80 -1.45 5.47
CA THR A 340 -22.98 -2.24 5.43
C THR A 340 -22.72 -3.65 5.04
N PHE A 341 -21.49 -4.09 5.11
CA PHE A 341 -21.14 -5.47 4.72
C PHE A 341 -20.64 -6.34 5.86
N CYS A 342 -19.97 -5.76 6.87
CA CYS A 342 -19.40 -6.54 7.96
C CYS A 342 -20.10 -6.45 9.28
N GLY A 343 -21.15 -7.23 9.48
CA GLY A 343 -21.86 -7.18 10.75
C GLY A 343 -22.05 -5.75 11.24
N GLN A 344 -21.27 -5.38 12.25
CA GLN A 344 -21.32 -4.05 12.87
C GLN A 344 -21.57 -2.89 11.95
N ASN A 345 -22.16 -1.84 12.53
CA ASN A 345 -22.54 -0.61 11.85
C ASN A 345 -21.44 0.39 11.60
N LEU A 346 -20.21 -0.01 11.82
CA LEU A 346 -19.07 0.89 11.61
C LEU A 346 -18.69 1.04 10.14
N THR A 347 -18.13 2.19 9.82
CA THR A 347 -17.66 2.48 8.46
C THR A 347 -16.15 2.46 8.40
N PHE A 348 -15.57 1.74 7.43
CA PHE A 348 -14.10 1.61 7.36
C PHE A 348 -13.61 0.88 8.64
N PRO A 349 -14.20 -0.22 9.00
CA PRO A 349 -13.84 -0.97 10.23
C PRO A 349 -12.35 -1.24 10.45
N LEU A 350 -11.64 -1.65 9.43
CA LEU A 350 -10.25 -1.97 9.52
C LEU A 350 -9.40 -0.74 9.67
N THR A 351 -9.60 0.23 8.82
CA THR A 351 -8.74 1.42 8.89
C THR A 351 -8.92 2.19 10.18
N SER A 352 -10.13 2.20 10.71
CA SER A 352 -10.39 2.90 11.94
C SER A 352 -9.85 2.08 13.19
N ALA A 353 -9.74 0.77 13.02
CA ALA A 353 -9.19 -0.05 14.07
C ALA A 353 -7.70 0.38 14.23
N VAL A 354 -7.06 0.65 13.13
CA VAL A 354 -5.68 1.06 13.19
C VAL A 354 -5.58 2.44 13.84
N LYS A 355 -6.47 3.33 13.43
CA LYS A 355 -6.49 4.69 13.96
C LYS A 355 -6.75 4.72 15.47
N ASP A 356 -7.56 3.78 15.94
CA ASP A 356 -7.84 3.70 17.36
C ASP A 356 -6.57 3.41 18.11
N VAL A 357 -5.87 2.37 17.75
CA VAL A 357 -4.63 2.00 18.42
C VAL A 357 -3.62 3.10 18.32
N LEU A 358 -3.57 3.73 17.17
CA LEU A 358 -2.57 4.80 16.93
C LEU A 358 -2.88 6.03 17.79
N ALA A 359 -4.15 6.24 18.07
CA ALA A 359 -4.54 7.37 18.84
C ALA A 359 -4.48 7.16 20.34
N ARG A 360 -4.07 5.99 20.80
CA ARG A 360 -3.99 5.80 22.24
C ARG A 360 -2.58 5.90 22.82
N VAL A 361 -1.70 6.61 22.13
CA VAL A 361 -0.30 6.83 22.55
C VAL A 361 0.66 5.65 22.40
#